data_5H65
#
_entry.id   5H65
#
_cell.length_a   49.231
_cell.length_b   87.824
_cell.length_c   87.120
_cell.angle_alpha   90.000
_cell.angle_beta   90.000
_cell.angle_gamma   90.000
#
_symmetry.space_group_name_H-M   'P 21 21 21'
#
loop_
_entity.id
_entity.type
_entity.pdbx_description
1 polymer 'Protection of telomeres protein 1'
2 polymer 'Adrenocortical dysplasia protein homolog'
3 non-polymer 'ZINC ION'
4 water water
#
loop_
_entity_poly.entity_id
_entity_poly.type
_entity_poly.pdbx_seq_one_letter_code
_entity_poly.pdbx_strand_id
1 'polypeptide(L)'
;QYLERTPLCAILKQKAPQQYRIRAKLRSYKPRRLFQSVKLHCPKCHLLQEVPHEGDLDIIFQDGATKTPDVKLQNTSLYD
SKIWTTKNQKGRKVAVHFVKNNGILPLSNECLLLIEGGTLSEICKLSNKFNSVIPVRSGHEDLELLDLSAPFLIQGTIHH
YGCKQCSSLRSIQNLNSLVDKTSWIPSSVAEALGIVPLQYVFVMTFTLDDGTGVLEAYLMDSDKFFQIPASEVLMDDDLQ
KSVDMIMDMFCPPGIKIDAYPWLECFIKSYNVTNGTDNQICYQIFDTTVAEDVI
;
A
2 'polypeptide(L)' GSEHQGALVCLAESCLTLEGPCTAPPVTHWAASRCKATGEAVYTVPSSMLCIS B
#
loop_
_chem_comp.id
_chem_comp.type
_chem_comp.name
_chem_comp.formula
ZN non-polymer 'ZINC ION' 'Zn 2'
#
# COMPACT_ATOMS: atom_id res chain seq x y z
N GLN A 1 2.22 36.93 -13.18
CA GLN A 1 1.57 38.13 -13.80
C GLN A 1 0.17 38.38 -13.24
N TYR A 2 -0.66 37.34 -13.25
CA TYR A 2 -2.01 37.40 -12.67
C TYR A 2 -2.15 36.46 -11.47
N LEU A 3 -1.11 36.34 -10.65
CA LEU A 3 -1.18 35.53 -9.44
C LEU A 3 -1.85 36.35 -8.34
N GLU A 4 -3.06 35.95 -7.96
CA GLU A 4 -3.79 36.58 -6.86
C GLU A 4 -4.37 35.50 -5.94
N ARG A 5 -4.54 35.86 -4.67
CA ARG A 5 -4.91 34.92 -3.62
C ARG A 5 -6.19 35.35 -2.92
N THR A 6 -7.12 34.41 -2.75
CA THR A 6 -8.41 34.70 -2.13
C THR A 6 -8.32 34.51 -0.61
N PRO A 7 -8.70 35.54 0.18
CA PRO A 7 -8.74 35.35 1.64
C PRO A 7 -9.80 34.35 2.07
N LEU A 8 -9.54 33.65 3.17
CA LEU A 8 -10.47 32.63 3.67
C LEU A 8 -11.83 33.18 4.07
N CYS A 9 -11.86 34.38 4.67
CA CYS A 9 -13.13 35.01 5.03
C CYS A 9 -14.04 35.18 3.83
N ALA A 10 -13.46 35.51 2.67
CA ALA A 10 -14.22 35.58 1.42
C ALA A 10 -14.80 34.22 1.03
N ILE A 11 -13.99 33.16 1.08
CA ILE A 11 -14.43 31.81 0.69
C ILE A 11 -15.60 31.32 1.54
N LEU A 12 -15.54 31.58 2.85
CA LEU A 12 -16.56 31.12 3.78
C LEU A 12 -17.95 31.74 3.56
N LYS A 13 -18.01 32.90 2.91
CA LYS A 13 -19.29 33.55 2.58
C LYS A 13 -19.91 33.09 1.26
N GLN A 14 -19.24 32.18 0.54
CA GLN A 14 -19.69 31.78 -0.80
C GLN A 14 -20.24 30.37 -0.84
N LYS A 15 -21.05 30.11 -1.86
CA LYS A 15 -21.71 28.83 -2.06
C LYS A 15 -20.82 27.90 -2.88
N ALA A 16 -20.97 26.60 -2.67
CA ALA A 16 -20.24 25.57 -3.39
C ALA A 16 -21.04 25.09 -4.63
N PRO A 17 -20.37 24.47 -5.62
CA PRO A 17 -18.95 24.19 -5.73
C PRO A 17 -18.19 25.28 -6.47
N GLN A 18 -17.02 25.65 -5.95
CA GLN A 18 -16.11 26.59 -6.59
C GLN A 18 -14.67 26.21 -6.24
N GLN A 19 -13.72 26.90 -6.84
CA GLN A 19 -12.30 26.63 -6.71
C GLN A 19 -11.59 27.94 -6.37
N TYR A 20 -10.54 27.84 -5.55
CA TYR A 20 -9.87 29.02 -5.01
C TYR A 20 -8.37 28.80 -4.92
N ARG A 21 -7.61 29.82 -5.29
CA ARG A 21 -6.17 29.86 -5.02
C ARG A 21 -6.02 30.60 -3.70
N ILE A 22 -5.39 29.95 -2.73
CA ILE A 22 -5.21 30.53 -1.39
C ILE A 22 -3.77 30.44 -0.94
N ARG A 23 -3.49 31.20 0.11
CA ARG A 23 -2.28 31.11 0.88
C ARG A 23 -2.67 31.17 2.35
N ALA A 24 -2.29 30.14 3.11
CA ALA A 24 -2.63 30.06 4.53
C ALA A 24 -1.61 29.23 5.29
N LYS A 25 -1.60 29.42 6.60
CA LYS A 25 -0.74 28.64 7.48
C LYS A 25 -1.52 27.43 7.96
N LEU A 26 -0.80 26.32 8.15
CA LEU A 26 -1.38 25.10 8.68
C LEU A 26 -1.37 25.21 10.20
N ARG A 27 -2.46 25.75 10.74
CA ARG A 27 -2.65 25.90 12.19
C ARG A 27 -2.50 24.56 12.89
N SER A 28 -3.20 23.56 12.39
CA SER A 28 -3.11 22.20 12.91
C SER A 28 -3.55 21.21 11.85
N TYR A 29 -3.25 19.94 12.09
CA TYR A 29 -3.68 18.87 11.20
C TYR A 29 -4.05 17.61 11.97
N LYS A 30 -4.85 16.76 11.33
CA LYS A 30 -5.08 15.39 11.75
C LYS A 30 -4.71 14.51 10.55
N PRO A 31 -4.21 13.28 10.77
CA PRO A 31 -3.98 12.63 12.06
C PRO A 31 -2.68 13.10 12.73
N ARG A 32 -2.69 13.08 14.06
CA ARG A 32 -1.50 13.38 14.86
C ARG A 32 -0.46 12.26 14.65
N ARG A 33 -0.94 11.02 14.64
CA ARG A 33 -0.13 9.88 14.27
C ARG A 33 -0.16 9.72 12.75
N LEU A 34 0.93 10.14 12.10
CA LEU A 34 0.97 10.26 10.63
C LEU A 34 0.78 8.96 9.86
N PHE A 35 1.18 7.82 10.44
CA PHE A 35 0.96 6.52 9.79
C PHE A 35 -0.51 6.23 9.51
N GLN A 36 -1.42 6.80 10.32
CA GLN A 36 -2.86 6.65 10.12
C GLN A 36 -3.40 7.40 8.89
N SER A 37 -2.60 8.26 8.27
CA SER A 37 -2.99 8.97 7.05
C SER A 37 -3.07 8.06 5.81
N VAL A 38 -2.36 6.94 5.83
CA VAL A 38 -2.29 6.05 4.67
C VAL A 38 -3.53 5.15 4.67
N LYS A 39 -4.42 5.37 3.70
CA LYS A 39 -5.66 4.60 3.56
C LYS A 39 -5.67 3.88 2.23
N LEU A 40 -6.57 2.90 2.12
CA LEU A 40 -6.82 2.18 0.88
C LEU A 40 -8.19 2.55 0.35
N HIS A 41 -8.27 2.87 -0.93
CA HIS A 41 -9.47 3.41 -1.56
C HIS A 41 -9.84 2.60 -2.81
N CYS A 42 -11.05 2.05 -2.84
CA CYS A 42 -11.53 1.31 -4.02
C CYS A 42 -12.05 2.28 -5.07
N PRO A 43 -11.49 2.25 -6.30
CA PRO A 43 -12.08 3.11 -7.34
C PRO A 43 -13.52 2.71 -7.74
N LYS A 44 -13.87 1.43 -7.57
CA LYS A 44 -15.20 0.94 -7.96
C LYS A 44 -16.28 1.39 -6.99
N CYS A 45 -16.19 0.97 -5.73
CA CYS A 45 -17.22 1.27 -4.72
C CYS A 45 -16.90 2.47 -3.81
N HIS A 46 -15.75 3.12 -4.01
CA HIS A 46 -15.37 4.34 -3.29
C HIS A 46 -15.31 4.20 -1.76
N LEU A 47 -15.10 2.99 -1.28
CA LEU A 47 -15.01 2.71 0.14
C LEU A 47 -13.58 3.03 0.55
N LEU A 48 -13.40 3.52 1.78
CA LEU A 48 -12.07 3.72 2.36
C LEU A 48 -11.83 2.64 3.39
N GLN A 49 -10.62 2.08 3.37
CA GLN A 49 -10.25 0.98 4.26
C GLN A 49 -8.89 1.21 4.91
N GLU A 50 -8.70 0.62 6.08
CA GLU A 50 -7.41 0.61 6.75
C GLU A 50 -6.51 -0.40 6.08
N VAL A 51 -5.21 -0.11 6.07
CA VAL A 51 -4.20 -1.06 5.63
C VAL A 51 -4.01 -2.05 6.78
N PRO A 52 -4.03 -3.37 6.47
CA PRO A 52 -3.76 -4.36 7.52
C PRO A 52 -2.43 -4.14 8.23
N HIS A 53 -2.40 -4.41 9.53
CA HIS A 53 -1.16 -4.30 10.31
C HIS A 53 -0.33 -5.55 10.16
N GLU A 54 0.95 -5.45 10.55
CA GLU A 54 1.89 -6.58 10.56
C GLU A 54 1.32 -7.79 11.28
N GLY A 55 0.81 -7.56 12.49
CA GLY A 55 0.15 -8.59 13.28
C GLY A 55 -0.97 -9.29 12.54
N ASP A 56 -1.81 -8.51 11.84
CA ASP A 56 -2.90 -9.08 11.04
C ASP A 56 -2.36 -9.99 9.94
N LEU A 57 -1.32 -9.53 9.24
CA LEU A 57 -0.71 -10.32 8.18
C LEU A 57 -0.02 -11.57 8.73
N ASP A 58 0.69 -11.41 9.85
CA ASP A 58 1.35 -12.53 10.52
C ASP A 58 0.36 -13.66 10.84
N ILE A 59 -0.83 -13.32 11.36
CA ILE A 59 -1.89 -14.29 11.62
C ILE A 59 -2.23 -15.09 10.36
N ILE A 60 -2.44 -14.36 9.26
CA ILE A 60 -2.83 -14.98 7.98
C ILE A 60 -1.75 -15.93 7.46
N PHE A 61 -0.50 -15.47 7.46
CA PHE A 61 0.61 -16.26 6.95
C PHE A 61 0.91 -17.47 7.84
N GLN A 62 0.87 -17.30 9.15
CA GLN A 62 1.05 -18.44 10.05
C GLN A 62 -0.06 -19.46 9.87
N ASP A 63 -1.29 -18.99 9.74
CA ASP A 63 -2.44 -19.86 9.48
C ASP A 63 -2.27 -20.63 8.16
N GLY A 64 -1.75 -19.95 7.14
CA GLY A 64 -1.39 -20.58 5.87
C GLY A 64 -0.37 -21.70 6.02
N ALA A 65 0.58 -21.49 6.93
CA ALA A 65 1.63 -22.47 7.22
C ALA A 65 1.16 -23.77 7.88
N THR A 66 -0.06 -23.81 8.42
CA THR A 66 -0.62 -25.05 8.97
C THR A 66 -1.06 -26.02 7.87
N LYS A 67 -1.37 -25.50 6.68
CA LYS A 67 -1.93 -26.30 5.58
C LYS A 67 -0.81 -26.92 4.75
N THR A 68 -0.98 -28.18 4.34
CA THR A 68 0.04 -28.91 3.58
C THR A 68 -0.13 -28.64 2.08
N PRO A 69 0.94 -28.18 1.39
CA PRO A 69 0.87 -27.99 -0.08
C PRO A 69 0.48 -29.26 -0.82
N ASP A 70 -0.49 -29.15 -1.73
CA ASP A 70 -1.02 -30.30 -2.46
C ASP A 70 -0.07 -30.64 -3.61
N VAL A 71 0.49 -31.86 -3.58
CA VAL A 71 1.35 -32.36 -4.66
C VAL A 71 0.71 -32.36 -6.05
N LYS A 72 -0.61 -32.54 -6.10
CA LYS A 72 -1.37 -32.51 -7.35
C LYS A 72 -1.26 -31.20 -8.12
N LEU A 73 -1.03 -30.09 -7.41
CA LEU A 73 -0.98 -28.75 -8.00
C LEU A 73 0.44 -28.29 -8.35
N GLN A 74 1.43 -29.17 -8.24
CA GLN A 74 2.84 -28.80 -8.44
C GLN A 74 3.32 -29.13 -9.86
N ASN A 75 4.19 -28.27 -10.39
CA ASN A 75 4.84 -28.47 -11.69
C ASN A 75 3.84 -28.57 -12.86
N THR A 76 3.20 -27.43 -13.16
CA THR A 76 2.30 -27.31 -14.29
C THR A 76 3.06 -26.72 -15.47
N SER A 77 2.38 -26.53 -16.59
CA SER A 77 2.94 -25.77 -17.72
C SER A 77 3.13 -24.28 -17.37
N LEU A 78 2.36 -23.78 -16.39
CA LEU A 78 2.50 -22.39 -15.93
C LEU A 78 3.70 -22.17 -14.99
N TYR A 79 4.04 -23.15 -14.16
CA TYR A 79 5.11 -22.96 -13.15
C TYR A 79 5.83 -24.23 -12.73
N ASP A 80 7.09 -24.05 -12.32
CA ASP A 80 7.87 -25.12 -11.66
C ASP A 80 7.72 -24.94 -10.16
N SER A 81 7.67 -26.06 -9.43
CA SER A 81 7.41 -26.05 -8.00
C SER A 81 8.58 -26.65 -7.22
N LYS A 82 8.85 -26.10 -6.04
CA LYS A 82 9.80 -26.69 -5.10
C LYS A 82 9.26 -26.58 -3.67
N ILE A 83 9.40 -27.68 -2.92
CA ILE A 83 8.96 -27.78 -1.53
C ILE A 83 10.16 -27.89 -0.61
N TRP A 84 10.26 -27.00 0.37
CA TRP A 84 11.27 -27.08 1.43
C TRP A 84 10.62 -27.59 2.70
N THR A 85 11.30 -28.52 3.36
CA THR A 85 10.94 -28.96 4.70
C THR A 85 11.60 -28.03 5.72
N THR A 86 11.14 -28.10 6.96
CA THR A 86 11.66 -27.24 8.03
C THR A 86 12.00 -28.05 9.28
N LYS A 87 12.62 -27.37 10.24
CA LYS A 87 12.88 -27.94 11.57
C LYS A 87 12.51 -26.91 12.62
N ASN A 88 11.89 -27.39 13.70
CA ASN A 88 11.42 -26.54 14.82
C ASN A 88 10.46 -25.43 14.41
N GLN A 89 9.58 -25.74 13.47
CA GLN A 89 8.55 -24.82 12.99
C GLN A 89 7.20 -25.52 12.83
N LYS A 90 6.87 -26.40 13.78
CA LYS A 90 5.61 -27.15 13.80
C LYS A 90 5.37 -28.01 12.54
N GLY A 91 6.46 -28.50 11.93
CA GLY A 91 6.38 -29.28 10.70
C GLY A 91 5.96 -28.51 9.46
N ARG A 92 6.26 -27.21 9.42
CA ARG A 92 5.90 -26.34 8.28
C ARG A 92 6.57 -26.81 6.99
N LYS A 93 5.88 -26.63 5.88
CA LYS A 93 6.44 -26.87 4.54
C LYS A 93 6.16 -25.67 3.66
N VAL A 94 7.21 -25.15 3.03
CA VAL A 94 7.11 -24.00 2.15
C VAL A 94 7.14 -24.48 0.71
N ALA A 95 6.16 -24.07 -0.09
CA ALA A 95 6.15 -24.30 -1.54
C ALA A 95 6.42 -22.98 -2.22
N VAL A 96 7.39 -22.95 -3.13
CA VAL A 96 7.59 -21.81 -4.03
C VAL A 96 7.37 -22.30 -5.45
N HIS A 97 6.49 -21.58 -6.17
CA HIS A 97 6.18 -21.88 -7.56
C HIS A 97 6.76 -20.77 -8.43
N PHE A 98 7.65 -21.13 -9.33
CA PHE A 98 8.35 -20.19 -10.19
C PHE A 98 7.59 -20.13 -11.50
N VAL A 99 7.03 -18.96 -11.83
CA VAL A 99 6.17 -18.82 -12.99
C VAL A 99 7.03 -18.73 -14.28
N LYS A 100 6.69 -19.57 -15.25
CA LYS A 100 7.39 -19.63 -16.53
C LYS A 100 6.76 -18.69 -17.57
N ASN A 101 7.60 -18.21 -18.48
CA ASN A 101 7.17 -17.45 -19.66
C ASN A 101 7.47 -18.29 -20.90
N ASN A 102 6.42 -18.82 -21.54
CA ASN A 102 6.57 -19.73 -22.69
C ASN A 102 7.42 -20.96 -22.37
N GLY A 103 7.08 -21.64 -21.28
CA GLY A 103 7.81 -22.83 -20.84
C GLY A 103 9.24 -22.63 -20.37
N ILE A 104 9.65 -21.38 -20.13
CA ILE A 104 11.02 -21.03 -19.75
C ILE A 104 10.95 -20.08 -18.56
N LEU A 105 11.73 -20.33 -17.52
CA LEU A 105 11.85 -19.39 -16.40
C LEU A 105 12.64 -18.17 -16.85
N PRO A 106 12.10 -16.96 -16.61
CA PRO A 106 12.86 -15.76 -16.97
C PRO A 106 13.94 -15.46 -15.93
N LEU A 107 14.63 -14.35 -16.11
CA LEU A 107 15.58 -13.87 -15.11
C LEU A 107 14.84 -13.64 -13.80
N SER A 108 15.55 -13.70 -12.67
CA SER A 108 14.93 -13.56 -11.35
C SER A 108 14.15 -12.25 -11.22
N ASN A 109 14.72 -11.16 -11.71
CA ASN A 109 14.05 -9.84 -11.68
C ASN A 109 12.81 -9.71 -12.59
N GLU A 110 12.54 -10.70 -13.43
CA GLU A 110 11.31 -10.77 -14.23
C GLU A 110 10.42 -11.95 -13.83
N CYS A 111 10.83 -12.70 -12.80
CA CYS A 111 10.16 -13.95 -12.43
C CYS A 111 9.21 -13.74 -11.27
N LEU A 112 7.96 -14.11 -11.47
CA LEU A 112 6.93 -14.06 -10.42
C LEU A 112 6.93 -15.36 -9.65
N LEU A 113 6.89 -15.25 -8.31
CA LEU A 113 6.77 -16.41 -7.44
C LEU A 113 5.37 -16.50 -6.81
N LEU A 114 4.87 -17.72 -6.72
CA LEU A 114 3.68 -18.02 -5.91
C LEU A 114 4.19 -18.82 -4.72
N ILE A 115 3.79 -18.43 -3.51
CA ILE A 115 4.31 -19.06 -2.29
C ILE A 115 3.19 -19.56 -1.38
N GLU A 116 3.34 -20.80 -0.91
CA GLU A 116 2.50 -21.38 0.14
C GLU A 116 3.34 -21.55 1.39
N GLY A 117 2.79 -21.12 2.52
CA GLY A 117 3.40 -21.34 3.83
C GLY A 117 4.53 -20.41 4.22
N GLY A 118 4.79 -19.37 3.42
CA GLY A 118 5.86 -18.41 3.72
C GLY A 118 5.42 -17.39 4.76
N THR A 119 6.39 -16.82 5.49
CA THR A 119 6.12 -15.72 6.42
C THR A 119 6.18 -14.40 5.67
N LEU A 120 5.71 -13.34 6.32
CA LEU A 120 5.79 -11.98 5.76
C LEU A 120 7.25 -11.59 5.51
N SER A 121 8.11 -11.92 6.47
CA SER A 121 9.55 -11.65 6.37
C SER A 121 10.20 -12.33 5.15
N GLU A 122 9.91 -13.62 4.97
CA GLU A 122 10.40 -14.38 3.83
C GLU A 122 9.88 -13.81 2.51
N ILE A 123 8.58 -13.51 2.47
CA ILE A 123 7.94 -12.89 1.30
C ILE A 123 8.62 -11.57 0.92
N CYS A 124 8.92 -10.75 1.92
CA CYS A 124 9.56 -9.46 1.68
C CYS A 124 11.01 -9.61 1.18
N LYS A 125 11.74 -10.59 1.70
CA LYS A 125 13.07 -10.93 1.17
C LYS A 125 13.00 -11.45 -0.27
N LEU A 126 12.05 -12.36 -0.53
CA LEU A 126 11.84 -12.85 -1.90
C LEU A 126 11.53 -11.71 -2.88
N SER A 127 10.69 -10.76 -2.44
CA SER A 127 10.32 -9.62 -3.27
C SER A 127 11.52 -8.72 -3.67
N ASN A 128 12.58 -8.71 -2.86
CA ASN A 128 13.83 -8.02 -3.22
C ASN A 128 14.59 -8.74 -4.34
N LYS A 129 14.71 -10.06 -4.23
CA LYS A 129 15.47 -10.86 -5.20
C LYS A 129 14.71 -11.21 -6.47
N PHE A 130 13.37 -11.26 -6.42
CA PHE A 130 12.54 -11.61 -7.58
C PHE A 130 11.65 -10.44 -7.99
N ASN A 131 10.93 -10.59 -9.11
CA ASN A 131 10.01 -9.53 -9.56
C ASN A 131 8.90 -9.27 -8.57
N SER A 132 8.24 -10.33 -8.14
CA SER A 132 7.08 -10.20 -7.26
C SER A 132 6.65 -11.53 -6.68
N VAL A 133 5.77 -11.47 -5.69
CA VAL A 133 5.27 -12.63 -4.97
C VAL A 133 3.76 -12.55 -4.82
N ILE A 134 3.06 -13.64 -5.13
CA ILE A 134 1.64 -13.81 -4.78
C ILE A 134 1.53 -14.87 -3.66
N PRO A 135 0.96 -14.51 -2.50
CA PRO A 135 0.70 -15.56 -1.51
C PRO A 135 -0.45 -16.44 -1.96
N VAL A 136 -0.22 -17.75 -2.02
CA VAL A 136 -1.25 -18.71 -2.48
C VAL A 136 -1.46 -19.86 -1.48
N ARG A 137 -2.53 -20.61 -1.73
CA ARG A 137 -2.88 -21.83 -1.00
C ARG A 137 -3.38 -22.89 -1.99
N SER A 138 -3.32 -24.16 -1.57
CA SER A 138 -3.80 -25.28 -2.38
C SER A 138 -5.31 -25.38 -2.25
N GLY A 139 -6.02 -24.96 -3.30
CA GLY A 139 -7.47 -25.15 -3.41
C GLY A 139 -7.81 -26.57 -3.85
N HIS A 140 -9.10 -26.81 -4.11
CA HIS A 140 -9.57 -28.15 -4.48
C HIS A 140 -9.08 -28.62 -5.86
N GLU A 141 -9.10 -27.72 -6.84
CA GLU A 141 -8.64 -28.04 -8.19
C GLU A 141 -7.47 -27.21 -8.73
N ASP A 142 -7.10 -26.14 -8.02
CA ASP A 142 -6.06 -25.22 -8.48
C ASP A 142 -5.48 -24.47 -7.27
N LEU A 143 -4.31 -23.87 -7.47
CA LEU A 143 -3.80 -22.88 -6.53
C LEU A 143 -4.75 -21.69 -6.54
N GLU A 144 -4.96 -21.12 -5.35
CA GLU A 144 -5.80 -19.94 -5.19
C GLU A 144 -5.11 -18.94 -4.29
N LEU A 145 -5.50 -17.67 -4.42
CA LEU A 145 -4.97 -16.60 -3.56
C LEU A 145 -5.22 -16.97 -2.11
N LEU A 146 -4.22 -16.70 -1.28
CA LEU A 146 -4.25 -17.07 0.14
C LEU A 146 -5.45 -16.44 0.82
N ASP A 147 -5.53 -15.11 0.76
CA ASP A 147 -6.62 -14.36 1.40
C ASP A 147 -6.59 -12.93 0.88
N LEU A 148 -7.76 -12.39 0.50
CA LEU A 148 -7.84 -10.98 0.11
C LEU A 148 -7.58 -9.99 1.27
N SER A 149 -7.63 -10.46 2.51
CA SER A 149 -7.15 -9.68 3.67
C SER A 149 -5.64 -9.40 3.59
N ALA A 150 -4.88 -10.32 3.00
CA ALA A 150 -3.45 -10.11 2.74
C ALA A 150 -3.24 -9.58 1.32
N PRO A 151 -2.04 -9.02 1.02
CA PRO A 151 -1.77 -8.55 -0.35
C PRO A 151 -1.94 -9.62 -1.41
N PHE A 152 -2.56 -9.28 -2.53
CA PHE A 152 -2.63 -10.19 -3.68
C PHE A 152 -1.33 -10.20 -4.49
N LEU A 153 -0.50 -9.16 -4.31
CA LEU A 153 0.79 -9.07 -4.99
C LEU A 153 1.73 -8.17 -4.20
N ILE A 154 2.92 -8.69 -3.86
CA ILE A 154 4.00 -7.88 -3.30
C ILE A 154 5.02 -7.69 -4.42
N GLN A 155 5.26 -6.43 -4.79
CA GLN A 155 6.19 -6.08 -5.84
C GLN A 155 7.03 -4.89 -5.38
N GLY A 156 8.34 -5.12 -5.26
CA GLY A 156 9.23 -4.14 -4.66
C GLY A 156 8.79 -3.90 -3.22
N THR A 157 8.63 -2.63 -2.87
CA THR A 157 8.12 -2.23 -1.55
C THR A 157 6.59 -2.08 -1.52
N ILE A 158 5.92 -2.26 -2.66
CA ILE A 158 4.47 -2.06 -2.75
C ILE A 158 3.71 -3.36 -2.47
N HIS A 159 2.88 -3.33 -1.42
CA HIS A 159 1.98 -4.42 -1.08
C HIS A 159 0.60 -4.10 -1.66
N HIS A 160 0.27 -4.71 -2.81
CA HIS A 160 -1.00 -4.44 -3.50
C HIS A 160 -2.17 -5.21 -2.89
N TYR A 161 -3.24 -4.49 -2.53
CA TYR A 161 -4.45 -5.07 -1.95
C TYR A 161 -5.66 -4.92 -2.89
N GLY A 162 -6.60 -5.85 -2.76
CA GLY A 162 -7.83 -5.87 -3.58
C GLY A 162 -9.08 -5.69 -2.73
N CYS A 163 -10.13 -5.14 -3.35
CA CYS A 163 -11.39 -4.89 -2.65
C CYS A 163 -12.17 -6.17 -2.47
N LYS A 164 -12.50 -6.52 -1.22
CA LYS A 164 -13.28 -7.73 -0.92
C LYS A 164 -14.70 -7.68 -1.48
N GLN A 165 -15.32 -6.50 -1.42
CA GLN A 165 -16.67 -6.27 -1.94
C GLN A 165 -16.73 -6.43 -3.47
N CYS A 166 -15.90 -5.67 -4.18
CA CYS A 166 -15.96 -5.61 -5.64
C CYS A 166 -15.29 -6.74 -6.42
N SER A 167 -14.37 -7.47 -5.80
CA SER A 167 -13.62 -8.53 -6.50
C SER A 167 -14.42 -9.82 -6.64
N SER A 168 -14.22 -10.52 -7.75
CA SER A 168 -14.76 -11.85 -7.98
C SER A 168 -13.59 -12.80 -8.23
N LEU A 169 -13.10 -13.41 -7.16
CA LEU A 169 -11.77 -14.04 -7.16
C LEU A 169 -11.72 -15.27 -8.08
N ARG A 170 -10.69 -15.31 -8.94
CA ARG A 170 -10.44 -16.43 -9.86
C ARG A 170 -9.12 -17.12 -9.51
N SER A 171 -9.03 -18.41 -9.85
CA SER A 171 -7.88 -19.23 -9.46
C SER A 171 -6.63 -18.93 -10.31
N ILE A 172 -5.50 -19.45 -9.84
CA ILE A 172 -4.16 -19.07 -10.34
C ILE A 172 -3.90 -19.37 -11.81
N GLN A 173 -4.46 -20.46 -12.35
CA GLN A 173 -4.27 -20.80 -13.77
C GLN A 173 -4.67 -19.66 -14.71
N ASN A 174 -5.58 -18.80 -14.26
CA ASN A 174 -5.97 -17.62 -15.03
C ASN A 174 -4.85 -16.61 -15.33
N LEU A 175 -3.72 -16.72 -14.62
CA LEU A 175 -2.51 -15.98 -14.99
C LEU A 175 -1.95 -16.33 -16.38
N ASN A 176 -2.33 -17.50 -16.91
CA ASN A 176 -2.06 -17.85 -18.31
C ASN A 176 -2.50 -16.78 -19.31
N SER A 177 -3.61 -16.10 -18.99
CA SER A 177 -4.16 -15.05 -19.84
C SER A 177 -3.32 -13.77 -19.96
N LEU A 178 -2.36 -13.55 -19.06
CA LEU A 178 -1.50 -12.35 -19.15
C LEU A 178 -0.65 -12.36 -20.43
N VAL A 179 -0.47 -11.18 -21.03
CA VAL A 179 0.20 -11.05 -22.34
C VAL A 179 1.61 -11.62 -22.34
N ASP A 180 2.34 -11.36 -21.26
CA ASP A 180 3.65 -11.97 -21.01
C ASP A 180 3.72 -12.44 -19.56
N LYS A 181 4.84 -13.08 -19.20
CA LYS A 181 5.12 -13.46 -17.82
C LYS A 181 6.48 -12.86 -17.38
N THR A 182 6.73 -11.62 -17.78
CA THR A 182 7.96 -10.90 -17.42
C THR A 182 7.75 -9.43 -16.99
N SER A 183 6.67 -8.79 -17.43
CA SER A 183 6.37 -7.41 -17.06
C SER A 183 5.68 -7.34 -15.70
N TRP A 184 4.65 -8.18 -15.51
CA TRP A 184 3.90 -8.28 -14.24
C TRP A 184 3.35 -6.94 -13.77
N ILE A 185 2.51 -6.35 -14.61
CA ILE A 185 1.86 -5.08 -14.32
C ILE A 185 0.79 -5.39 -13.25
N PRO A 186 0.82 -4.70 -12.09
CA PRO A 186 -0.12 -5.01 -11.00
C PRO A 186 -1.60 -5.05 -11.43
N SER A 187 -2.04 -4.04 -12.19
CA SER A 187 -3.42 -3.99 -12.70
C SER A 187 -3.75 -5.19 -13.60
N SER A 188 -2.78 -5.60 -14.43
CA SER A 188 -2.96 -6.79 -15.27
C SER A 188 -3.06 -8.08 -14.44
N VAL A 189 -2.25 -8.19 -13.39
CA VAL A 189 -2.29 -9.33 -12.47
C VAL A 189 -3.67 -9.40 -11.79
N ALA A 190 -4.12 -8.25 -11.28
CA ALA A 190 -5.43 -8.12 -10.65
C ALA A 190 -6.58 -8.54 -11.58
N GLU A 191 -6.56 -8.04 -12.82
CA GLU A 191 -7.61 -8.37 -13.79
C GLU A 191 -7.67 -9.87 -14.05
N ALA A 192 -6.52 -10.50 -14.28
CA ALA A 192 -6.44 -11.95 -14.48
C ALA A 192 -7.05 -12.76 -13.35
N LEU A 193 -6.90 -12.28 -12.12
CA LEU A 193 -7.43 -12.97 -10.94
C LEU A 193 -8.82 -12.49 -10.50
N GLY A 194 -9.44 -11.59 -11.27
CA GLY A 194 -10.75 -11.03 -10.96
C GLY A 194 -10.76 -10.09 -9.77
N ILE A 195 -9.62 -9.45 -9.52
CA ILE A 195 -9.44 -8.55 -8.37
C ILE A 195 -9.60 -7.12 -8.82
N VAL A 196 -10.37 -6.34 -8.06
CA VAL A 196 -10.44 -4.89 -8.24
C VAL A 196 -9.41 -4.28 -7.27
N PRO A 197 -8.30 -3.70 -7.81
CA PRO A 197 -7.25 -3.24 -6.92
C PRO A 197 -7.62 -1.97 -6.13
N LEU A 198 -7.25 -1.96 -4.85
CA LEU A 198 -7.39 -0.77 -4.01
C LEU A 198 -6.25 0.18 -4.33
N GLN A 199 -6.51 1.47 -4.15
CA GLN A 199 -5.56 2.54 -4.40
C GLN A 199 -5.11 3.12 -3.06
N TYR A 200 -3.81 3.26 -2.87
CA TYR A 200 -3.25 3.92 -1.69
C TYR A 200 -3.43 5.42 -1.79
N VAL A 201 -3.86 6.04 -0.69
CA VAL A 201 -3.97 7.50 -0.63
C VAL A 201 -3.60 8.02 0.76
N PHE A 202 -3.00 9.22 0.77
CA PHE A 202 -2.83 10.01 1.98
C PHE A 202 -4.14 10.72 2.23
N VAL A 203 -4.80 10.42 3.36
CA VAL A 203 -5.96 11.17 3.81
C VAL A 203 -5.59 11.94 5.09
N MET A 204 -5.73 13.26 5.04
CA MET A 204 -5.48 14.13 6.18
C MET A 204 -6.52 15.25 6.22
N THR A 205 -6.67 15.85 7.39
CA THR A 205 -7.56 16.99 7.57
C THR A 205 -6.72 18.15 8.06
N PHE A 206 -6.62 19.18 7.22
CA PHE A 206 -5.83 20.38 7.52
C PHE A 206 -6.73 21.49 8.02
N THR A 207 -6.31 22.16 9.10
CA THR A 207 -6.96 23.38 9.56
C THR A 207 -6.10 24.55 9.09
N LEU A 208 -6.64 25.28 8.12
CA LEU A 208 -5.92 26.35 7.46
C LEU A 208 -6.33 27.70 8.05
N ASP A 209 -5.37 28.59 8.22
CA ASP A 209 -5.58 29.88 8.87
C ASP A 209 -4.71 30.91 8.15
N ASP A 210 -5.35 31.94 7.59
CA ASP A 210 -4.62 33.03 6.94
C ASP A 210 -4.79 34.37 7.69
N GLY A 211 -5.34 34.32 8.90
CA GLY A 211 -5.59 35.52 9.70
C GLY A 211 -6.87 36.28 9.38
N THR A 212 -7.55 35.93 8.29
CA THR A 212 -8.88 36.48 7.97
C THR A 212 -9.98 35.50 8.34
N GLY A 213 -9.67 34.19 8.28
CA GLY A 213 -10.62 33.15 8.64
C GLY A 213 -9.91 31.84 8.94
N VAL A 214 -10.70 30.83 9.28
CA VAL A 214 -10.22 29.47 9.51
C VAL A 214 -11.14 28.52 8.77
N LEU A 215 -10.55 27.45 8.25
CA LEU A 215 -11.22 26.55 7.33
C LEU A 215 -10.60 25.16 7.45
N GLU A 216 -11.44 24.12 7.38
CA GLU A 216 -10.97 22.72 7.35
C GLU A 216 -10.95 22.25 5.90
N ALA A 217 -9.78 21.79 5.43
CA ALA A 217 -9.63 21.27 4.08
C ALA A 217 -9.01 19.87 4.12
N TYR A 218 -9.62 18.95 3.38
CA TYR A 218 -9.08 17.59 3.29
C TYR A 218 -7.93 17.48 2.30
N LEU A 219 -6.98 16.60 2.61
CA LEU A 219 -6.02 16.10 1.65
C LEU A 219 -6.47 14.69 1.28
N MET A 220 -6.57 14.41 -0.02
CA MET A 220 -6.74 13.04 -0.50
C MET A 220 -5.99 12.85 -1.80
N ASP A 221 -4.78 12.29 -1.72
CA ASP A 221 -4.04 11.92 -2.94
C ASP A 221 -2.97 10.87 -2.72
N SER A 222 -2.55 10.29 -3.84
CA SER A 222 -1.67 9.13 -3.86
C SER A 222 -0.23 9.63 -3.82
N ASP A 223 0.15 10.50 -4.75
CA ASP A 223 1.54 10.98 -4.84
C ASP A 223 1.83 12.46 -5.19
N LYS A 224 0.84 13.31 -5.35
CA LYS A 224 1.07 14.65 -5.88
C LYS A 224 1.62 15.61 -4.82
N PHE A 225 0.93 15.68 -3.69
CA PHE A 225 1.18 16.69 -2.66
C PHE A 225 2.59 16.63 -2.06
N PHE A 226 2.97 15.47 -1.55
CA PHE A 226 4.31 15.29 -0.97
C PHE A 226 5.37 14.92 -2.01
N GLN A 227 4.95 14.53 -3.21
CA GLN A 227 5.79 13.77 -4.16
C GLN A 227 6.42 12.53 -3.51
N ILE A 228 5.63 11.87 -2.67
CA ILE A 228 5.98 10.61 -2.03
C ILE A 228 4.82 9.68 -2.37
N PRO A 229 5.11 8.49 -2.93
CA PRO A 229 3.99 7.56 -3.21
C PRO A 229 3.39 6.98 -1.92
N ALA A 230 2.07 7.12 -1.77
CA ALA A 230 1.35 6.51 -0.64
C ALA A 230 1.42 4.98 -0.68
N SER A 231 1.58 4.44 -1.88
CA SER A 231 1.76 2.99 -2.08
C SER A 231 3.08 2.41 -1.55
N GLU A 232 4.10 3.26 -1.38
CA GLU A 232 5.42 2.81 -0.89
C GLU A 232 5.72 3.20 0.57
N VAL A 233 5.12 4.29 1.05
CA VAL A 233 5.52 4.92 2.32
C VAL A 233 5.52 3.99 3.55
N LEU A 234 4.51 3.15 3.70
CA LEU A 234 4.43 2.26 4.88
C LEU A 234 5.55 1.21 4.93
N MET A 235 6.24 0.96 3.82
CA MET A 235 7.36 0.01 3.79
C MET A 235 8.72 0.66 3.49
N ASP A 236 8.81 1.98 3.67
CA ASP A 236 10.04 2.71 3.34
C ASP A 236 10.32 3.77 4.41
N ASP A 237 11.37 3.54 5.20
CA ASP A 237 11.70 4.38 6.34
C ASP A 237 12.11 5.81 5.93
N ASP A 238 12.82 5.93 4.81
CA ASP A 238 13.21 7.25 4.29
C ASP A 238 11.99 8.07 3.85
N LEU A 239 11.05 7.44 3.13
CA LEU A 239 9.83 8.13 2.71
C LEU A 239 8.96 8.54 3.91
N GLN A 240 8.98 7.74 4.97
CA GLN A 240 8.31 8.10 6.23
C GLN A 240 8.96 9.32 6.88
N LYS A 241 10.29 9.32 6.97
CA LYS A 241 11.03 10.49 7.48
C LYS A 241 10.74 11.76 6.70
N SER A 242 10.64 11.66 5.37
CA SER A 242 10.29 12.81 4.53
C SER A 242 8.91 13.38 4.88
N VAL A 243 7.91 12.51 5.03
CA VAL A 243 6.56 12.94 5.41
C VAL A 243 6.60 13.61 6.79
N ASP A 244 7.32 13.00 7.74
CA ASP A 244 7.51 13.59 9.07
C ASP A 244 8.06 15.01 8.97
N MET A 245 9.13 15.17 8.21
CA MET A 245 9.82 16.46 8.09
C MET A 245 8.98 17.53 7.39
N ILE A 246 8.22 17.14 6.37
CA ILE A 246 7.34 18.08 5.65
C ILE A 246 6.23 18.59 6.57
N MET A 247 5.60 17.70 7.31
CA MET A 247 4.56 18.09 8.28
C MET A 247 5.12 18.90 9.43
N ASP A 248 6.31 18.52 9.89
CA ASP A 248 7.04 19.27 10.92
C ASP A 248 7.45 20.66 10.44
N MET A 249 7.74 20.80 9.14
CA MET A 249 8.05 22.11 8.55
C MET A 249 6.82 23.03 8.52
N PHE A 250 5.68 22.52 8.06
CA PHE A 250 4.47 23.35 7.96
C PHE A 250 3.79 23.61 9.30
N CYS A 251 3.81 22.63 10.20
CA CYS A 251 3.13 22.75 11.50
C CYS A 251 3.98 22.16 12.63
N PRO A 252 5.09 22.84 12.98
CA PRO A 252 5.98 22.32 14.04
C PRO A 252 5.33 22.30 15.42
N PRO A 253 5.42 21.15 16.14
CA PRO A 253 4.75 21.10 17.45
C PRO A 253 5.41 22.03 18.47
N GLY A 254 4.61 22.60 19.36
CA GLY A 254 5.10 23.50 20.39
C GLY A 254 5.09 24.96 19.98
N ILE A 255 5.81 25.31 18.90
CA ILE A 255 6.03 26.71 18.53
C ILE A 255 4.78 27.37 17.89
N LYS A 256 4.80 28.70 17.86
CA LYS A 256 3.62 29.50 17.55
C LYS A 256 3.39 29.68 16.05
N ILE A 257 2.10 29.77 15.68
CA ILE A 257 1.65 29.90 14.29
C ILE A 257 2.29 31.08 13.53
N ASP A 258 2.62 32.16 14.25
CA ASP A 258 3.38 33.30 13.72
C ASP A 258 4.65 32.88 12.96
N ALA A 259 5.34 31.86 13.46
CA ALA A 259 6.60 31.37 12.89
C ALA A 259 6.46 30.34 11.76
N TYR A 260 5.25 29.82 11.52
CA TYR A 260 5.07 28.78 10.50
C TYR A 260 5.25 29.39 9.09
N PRO A 261 5.69 28.57 8.12
CA PRO A 261 5.69 29.04 6.73
C PRO A 261 4.27 29.04 6.15
N TRP A 262 4.08 29.75 5.05
CA TRP A 262 2.80 29.76 4.36
C TRP A 262 2.69 28.57 3.41
N LEU A 263 1.49 28.02 3.31
CA LEU A 263 1.17 26.98 2.33
C LEU A 263 0.39 27.60 1.18
N GLU A 264 1.00 27.57 0.00
CA GLU A 264 0.37 28.01 -1.25
C GLU A 264 -0.37 26.83 -1.85
N CYS A 265 -1.67 26.97 -2.09
CA CYS A 265 -2.44 25.86 -2.67
C CYS A 265 -3.75 26.29 -3.32
N PHE A 266 -4.34 25.34 -4.04
CA PHE A 266 -5.72 25.46 -4.50
C PHE A 266 -6.60 24.64 -3.57
N ILE A 267 -7.82 25.11 -3.35
CA ILE A 267 -8.85 24.31 -2.69
C ILE A 267 -10.15 24.41 -3.48
N LYS A 268 -10.87 23.28 -3.56
CA LYS A 268 -12.20 23.24 -4.16
C LYS A 268 -13.23 23.07 -3.06
N SER A 269 -14.32 23.82 -3.15
CA SER A 269 -15.47 23.63 -2.27
C SER A 269 -16.44 22.67 -2.96
N TYR A 270 -17.26 21.99 -2.16
CA TYR A 270 -18.27 21.08 -2.67
C TYR A 270 -19.35 20.80 -1.61
N ASN A 271 -20.53 20.43 -2.09
CA ASN A 271 -21.65 20.11 -1.22
C ASN A 271 -21.67 18.63 -0.93
N VAL A 272 -21.66 18.28 0.35
CA VAL A 272 -21.73 16.88 0.78
C VAL A 272 -23.06 16.19 0.43
N THR A 273 -24.18 16.88 0.66
CA THR A 273 -25.53 16.34 0.37
C THR A 273 -26.32 17.25 -0.57
N GLN A 279 -23.84 20.96 4.45
CA GLN A 279 -22.66 21.72 4.79
C GLN A 279 -21.59 21.66 3.69
N ILE A 280 -20.82 22.72 3.55
CA ILE A 280 -19.79 22.83 2.53
C ILE A 280 -18.47 22.30 3.09
N CYS A 281 -17.84 21.38 2.35
CA CYS A 281 -16.50 20.89 2.67
C CYS A 281 -15.52 21.40 1.62
N TYR A 282 -14.24 21.35 1.97
CA TYR A 282 -13.15 21.82 1.11
C TYR A 282 -12.07 20.75 0.98
N GLN A 283 -11.34 20.81 -0.13
CA GLN A 283 -10.32 19.82 -0.43
C GLN A 283 -9.22 20.39 -1.31
N ILE A 284 -7.97 20.08 -0.96
CA ILE A 284 -6.82 20.54 -1.72
C ILE A 284 -6.77 19.81 -3.05
N PHE A 285 -6.41 20.54 -4.12
CA PHE A 285 -6.20 19.95 -5.43
C PHE A 285 -5.10 20.70 -6.19
N ASP A 286 -4.56 20.06 -7.23
CA ASP A 286 -3.49 20.61 -8.08
C ASP A 286 -2.45 21.41 -7.28
N THR A 287 -1.95 20.77 -6.23
CA THR A 287 -1.01 21.38 -5.30
C THR A 287 0.08 20.37 -4.95
N THR A 288 1.32 20.84 -4.96
CA THR A 288 2.44 20.10 -4.39
C THR A 288 3.26 21.06 -3.54
N VAL A 289 3.65 20.59 -2.35
CA VAL A 289 4.62 21.32 -1.54
C VAL A 289 6.04 20.96 -1.96
N ALA A 290 6.21 19.83 -2.65
CA ALA A 290 7.53 19.22 -2.93
C ALA A 290 8.31 19.81 -4.11
N GLU A 291 7.69 20.68 -4.92
CA GLU A 291 8.37 21.26 -6.08
C GLU A 291 9.31 22.39 -5.67
N ASP A 292 8.91 23.17 -4.67
CA ASP A 292 9.73 24.25 -4.10
C ASP A 292 10.46 23.87 -2.81
N VAL A 293 10.04 22.80 -2.12
CA VAL A 293 10.74 22.25 -0.95
C VAL A 293 11.34 20.85 -1.26
N ILE A 294 12.45 20.52 -0.62
CA ILE A 294 13.26 19.35 -0.96
C ILE A 294 13.65 18.62 0.32
N GLY B 1 17.51 -24.08 -19.59
CA GLY B 1 18.17 -25.24 -18.92
C GLY B 1 17.93 -25.28 -17.42
N SER B 2 18.19 -26.45 -16.84
CA SER B 2 18.03 -26.67 -15.40
C SER B 2 19.02 -25.90 -14.53
N GLU B 3 20.15 -25.44 -15.08
CA GLU B 3 21.14 -24.71 -14.26
C GLU B 3 20.68 -23.28 -13.94
N HIS B 4 19.97 -22.64 -14.88
CA HIS B 4 19.27 -21.39 -14.58
C HIS B 4 18.14 -21.60 -13.56
N GLN B 5 17.35 -22.67 -13.74
CA GLN B 5 16.33 -23.05 -12.76
C GLN B 5 16.95 -23.27 -11.39
N GLY B 6 18.04 -24.04 -11.36
CA GLY B 6 18.80 -24.29 -10.13
C GLY B 6 19.22 -23.00 -9.42
N ALA B 7 19.68 -22.02 -10.19
CA ALA B 7 20.07 -20.71 -9.65
C ALA B 7 18.91 -20.00 -8.95
N LEU B 8 17.74 -20.01 -9.59
CA LEU B 8 16.55 -19.37 -9.00
C LEU B 8 16.10 -20.08 -7.73
N VAL B 9 16.23 -21.40 -7.69
CA VAL B 9 15.92 -22.20 -6.50
C VAL B 9 16.83 -21.86 -5.33
N CYS B 10 18.12 -21.70 -5.60
CA CYS B 10 19.08 -21.25 -4.59
C CYS B 10 18.78 -19.84 -4.11
N LEU B 11 18.46 -18.92 -5.03
CA LEU B 11 18.04 -17.55 -4.67
C LEU B 11 16.78 -17.57 -3.79
N ALA B 12 15.82 -18.42 -4.13
CA ALA B 12 14.62 -18.58 -3.32
C ALA B 12 14.98 -19.09 -1.93
N GLU B 13 15.77 -20.16 -1.89
CA GLU B 13 16.19 -20.77 -0.63
C GLU B 13 16.93 -19.80 0.29
N SER B 14 17.74 -18.91 -0.28
CA SER B 14 18.47 -17.90 0.51
C SER B 14 17.56 -16.93 1.27
N CYS B 15 16.35 -16.70 0.76
CA CYS B 15 15.36 -15.82 1.42
C CYS B 15 14.52 -16.52 2.50
N LEU B 16 14.54 -17.86 2.54
CA LEU B 16 13.77 -18.64 3.50
C LEU B 16 14.55 -18.84 4.79
N THR B 17 13.82 -19.04 5.88
CA THR B 17 14.38 -19.38 7.20
C THR B 17 13.70 -20.68 7.63
N LEU B 18 14.41 -21.79 7.43
CA LEU B 18 13.84 -23.14 7.54
C LEU B 18 14.20 -23.88 8.83
N GLU B 19 15.04 -23.25 9.66
CA GLU B 19 15.60 -23.90 10.86
C GLU B 19 15.80 -22.89 11.97
N GLY B 20 15.94 -23.39 13.19
CA GLY B 20 16.19 -22.54 14.35
C GLY B 20 14.99 -21.71 14.75
N PRO B 21 15.21 -20.63 15.52
CA PRO B 21 14.11 -19.73 15.92
C PRO B 21 13.82 -18.69 14.85
N CYS B 22 12.53 -18.55 14.50
CA CYS B 22 12.09 -17.53 13.55
C CYS B 22 12.09 -16.16 14.25
N THR B 23 13.23 -15.47 14.15
CA THR B 23 13.44 -14.16 14.77
C THR B 23 12.56 -13.06 14.17
N ALA B 24 12.29 -12.03 14.96
CA ALA B 24 11.45 -10.90 14.54
C ALA B 24 12.20 -10.01 13.54
N PRO B 25 11.53 -9.57 12.44
CA PRO B 25 12.23 -8.77 11.43
C PRO B 25 12.36 -7.29 11.85
N PRO B 26 13.43 -6.59 11.38
CA PRO B 26 13.60 -5.17 11.71
C PRO B 26 12.58 -4.30 10.97
N VAL B 27 11.89 -3.44 11.72
CA VAL B 27 10.71 -2.72 11.24
C VAL B 27 10.98 -1.21 11.15
N THR B 28 10.28 -0.52 10.25
CA THR B 28 10.40 0.95 10.10
C THR B 28 9.72 1.68 11.27
N HIS B 29 10.09 2.94 11.48
CA HIS B 29 9.65 3.69 12.66
C HIS B 29 8.14 3.99 12.74
N TRP B 30 7.47 4.16 11.59
CA TRP B 30 6.00 4.28 11.57
C TRP B 30 5.33 2.98 12.03
N ALA B 31 5.79 1.86 11.50
CA ALA B 31 5.31 0.52 11.91
C ALA B 31 5.58 0.24 13.40
N ALA B 32 6.70 0.75 13.93
CA ALA B 32 7.01 0.67 15.36
C ALA B 32 6.04 1.53 16.19
N SER B 33 5.80 2.76 15.73
CA SER B 33 4.81 3.65 16.34
C SER B 33 3.38 3.10 16.25
N ARG B 34 3.10 2.41 15.15
CA ARG B 34 1.81 1.74 14.92
C ARG B 34 1.57 0.62 15.91
N CYS B 35 2.59 -0.21 16.12
CA CYS B 35 2.52 -1.32 17.07
C CYS B 35 2.30 -0.83 18.51
N LYS B 36 3.02 0.22 18.90
CA LYS B 36 2.85 0.86 20.22
C LYS B 36 1.45 1.44 20.44
N ALA B 37 0.94 2.15 19.43
CA ALA B 37 -0.36 2.85 19.52
C ALA B 37 -1.61 1.95 19.33
N THR B 38 -1.45 0.63 19.32
CA THR B 38 -2.58 -0.30 19.22
C THR B 38 -3.52 -0.15 20.42
N GLY B 39 -4.83 -0.08 20.16
CA GLY B 39 -5.84 0.14 21.20
C GLY B 39 -6.44 1.54 21.17
N GLU B 40 -5.62 2.54 20.86
CA GLU B 40 -6.08 3.93 20.75
C GLU B 40 -6.94 4.18 19.51
N ALA B 41 -7.60 5.33 19.49
CA ALA B 41 -8.53 5.70 18.40
C ALA B 41 -7.79 5.85 17.08
N VAL B 42 -8.45 5.44 16.00
CA VAL B 42 -7.88 5.50 14.65
C VAL B 42 -8.55 6.63 13.88
N TYR B 43 -7.74 7.60 13.46
CA TYR B 43 -8.20 8.66 12.55
C TYR B 43 -8.93 8.06 11.35
N THR B 44 -10.09 8.63 11.05
CA THR B 44 -10.93 8.13 9.96
C THR B 44 -11.88 9.22 9.47
N VAL B 45 -12.00 9.31 8.15
CA VAL B 45 -12.93 10.22 7.49
C VAL B 45 -13.84 9.34 6.64
N PRO B 46 -15.18 9.54 6.73
CA PRO B 46 -16.06 8.79 5.85
C PRO B 46 -15.87 9.22 4.40
N SER B 47 -15.90 8.27 3.47
CA SER B 47 -15.67 8.55 2.06
C SER B 47 -16.69 9.54 1.45
N SER B 48 -17.91 9.59 2.00
CA SER B 48 -18.92 10.56 1.56
C SER B 48 -18.57 12.02 1.88
N MET B 49 -17.70 12.24 2.87
CA MET B 49 -17.19 13.58 3.18
C MET B 49 -16.16 14.07 2.18
N LEU B 50 -15.50 13.16 1.48
CA LEU B 50 -14.46 13.50 0.51
C LEU B 50 -15.05 13.69 -0.88
N CYS B 51 -14.29 14.37 -1.74
CA CYS B 51 -14.69 14.64 -3.12
C CYS B 51 -13.84 13.78 -4.05
N ILE B 52 -14.45 12.76 -4.65
CA ILE B 52 -13.74 11.73 -5.41
C ILE B 52 -14.16 11.77 -6.89
N SER B 53 -13.17 11.82 -7.79
CA SER B 53 -13.41 11.66 -9.23
C SER B 53 -12.13 11.31 -9.96
ZN ZN C . -14.80 -1.89 -3.86
#